data_4POJ
#
_entry.id   4POJ
#
_cell.length_a   65.880
_cell.length_b   65.880
_cell.length_c   112.010
_cell.angle_alpha   90.00
_cell.angle_beta   90.00
_cell.angle_gamma   90.00
#
_symmetry.space_group_name_H-M   'P 43 21 2'
#
loop_
_entity.id
_entity.type
_entity.pdbx_description
1 polymer 'Retinoic acid receptor RXR-alpha'
2 polymer 'Nuclear receptor coactivator 2'
3 non-polymer '(2E,4E,6Z,8E)-3,7-dimethyl-8-(7-methyl-3,4-dihydronaphthalen-1(2H)-ylidene)octa-2,4,6-trienoic acid'
4 water water
#
loop_
_entity_poly.entity_id
_entity_poly.type
_entity_poly.pdbx_seq_one_letter_code
_entity_poly.pdbx_strand_id
1 'polypeptide(L)'
;EDMPVERILEAELAVEPKTETYVEANMGLNPSSPNDPVTNICQAADKQLFTLVEWAKRIPHFSELPLDDQVILLRAGWNE
LLIASFSHRSIAVKDGILLATGLHVHRNSAHSAGVGAIFDRVLTELVSKMRDMQMDKTELGCLRAIVLFNPDSKGLSNPA
EVEALREKVYASLEAYCKHKYPEQPGRFAKLLLRLPALRSIGLKCLEHLFFFKLIGDTPIDTFLMEMLEAP
;
A
2 'polypeptide(L)' KHKILHRLLQDSS B
#
# COMPACT_ATOMS: atom_id res chain seq x y z
N GLU A 1 1.42 21.90 -5.99
CA GLU A 1 0.28 22.85 -6.13
C GLU A 1 -1.05 22.13 -5.94
N ASP A 2 -1.79 22.53 -4.89
CA ASP A 2 -3.09 21.95 -4.58
C ASP A 2 -2.97 20.47 -4.22
N MET A 3 -2.35 20.18 -3.09
CA MET A 3 -2.18 18.81 -2.62
C MET A 3 -2.07 18.85 -1.11
N PRO A 4 -3.11 19.38 -0.44
CA PRO A 4 -3.15 19.48 1.03
C PRO A 4 -3.19 18.14 1.75
N VAL A 5 -2.32 17.99 2.74
CA VAL A 5 -2.25 16.76 3.50
C VAL A 5 -3.56 16.46 4.20
N GLU A 6 -4.40 17.48 4.35
CA GLU A 6 -5.69 17.29 4.99
C GLU A 6 -6.55 16.33 4.17
N ARG A 7 -6.53 16.52 2.86
CA ARG A 7 -7.30 15.67 1.95
C ARG A 7 -6.75 14.24 2.02
N ILE A 8 -5.43 14.11 2.15
CA ILE A 8 -4.79 12.80 2.21
C ILE A 8 -5.19 12.06 3.48
N LEU A 9 -5.22 12.78 4.61
CA LEU A 9 -5.60 12.18 5.87
C LEU A 9 -7.03 11.67 5.81
N GLU A 10 -7.92 12.48 5.23
CA GLU A 10 -9.34 12.12 5.10
C GLU A 10 -9.48 10.82 4.33
N ALA A 11 -8.68 10.67 3.28
CA ALA A 11 -8.73 9.45 2.49
C ALA A 11 -8.40 8.25 3.38
N GLU A 12 -7.39 8.38 4.23
CA GLU A 12 -6.99 7.30 5.12
C GLU A 12 -8.11 6.98 6.13
N LEU A 13 -8.63 8.02 6.78
CA LEU A 13 -9.68 7.83 7.76
C LEU A 13 -11.00 7.35 7.14
N ALA A 14 -11.22 7.71 5.89
CA ALA A 14 -12.42 7.32 5.20
C ALA A 14 -12.48 5.83 4.83
N VAL A 15 -11.33 5.27 4.48
CA VAL A 15 -11.27 3.87 4.06
C VAL A 15 -10.95 2.86 5.17
N GLU A 16 -10.69 3.35 6.38
CA GLU A 16 -10.38 2.45 7.47
C GLU A 16 -10.69 3.04 8.83
N PRO A 17 -11.71 2.50 9.52
CA PRO A 17 -12.12 2.97 10.85
C PRO A 17 -11.10 2.65 11.94
N ASN A 35 -7.11 -21.78 9.86
CA ASN A 35 -5.92 -22.53 10.26
C ASN A 35 -4.70 -22.10 9.47
N ASP A 36 -4.89 -21.80 8.18
CA ASP A 36 -3.79 -21.35 7.32
C ASP A 36 -3.83 -19.84 7.17
N PRO A 37 -2.85 -19.15 7.77
CA PRO A 37 -2.80 -17.69 7.69
C PRO A 37 -2.70 -17.16 6.26
N VAL A 38 -2.12 -17.95 5.37
CA VAL A 38 -1.98 -17.53 3.97
C VAL A 38 -3.33 -17.32 3.32
N THR A 39 -4.24 -18.27 3.51
CA THR A 39 -5.57 -18.16 2.94
C THR A 39 -6.23 -16.92 3.51
N ASN A 40 -6.08 -16.68 4.81
CA ASN A 40 -6.68 -15.49 5.42
C ASN A 40 -6.07 -14.20 4.85
N ILE A 41 -4.76 -14.21 4.60
CA ILE A 41 -4.10 -13.04 4.06
C ILE A 41 -4.61 -12.73 2.66
N CYS A 42 -4.71 -13.76 1.83
CA CYS A 42 -5.19 -13.55 0.47
C CYS A 42 -6.62 -13.05 0.46
N GLN A 43 -7.43 -13.60 1.36
CA GLN A 43 -8.81 -13.15 1.43
C GLN A 43 -8.90 -11.69 1.83
N ALA A 44 -8.03 -11.27 2.76
CA ALA A 44 -8.00 -9.89 3.21
C ALA A 44 -7.50 -8.98 2.08
N ALA A 45 -6.58 -9.48 1.27
CA ALA A 45 -6.07 -8.66 0.17
C ALA A 45 -7.14 -8.35 -0.86
N ASP A 46 -7.91 -9.36 -1.26
CA ASP A 46 -8.97 -9.19 -2.26
C ASP A 46 -9.95 -8.15 -1.72
N LYS A 47 -10.35 -8.32 -0.48
CA LYS A 47 -11.26 -7.41 0.18
C LYS A 47 -10.74 -5.98 0.17
N GLN A 48 -9.46 -5.82 0.49
CA GLN A 48 -8.92 -4.48 0.52
C GLN A 48 -8.69 -3.87 -0.84
N LEU A 49 -8.67 -4.69 -1.89
CA LEU A 49 -8.46 -4.14 -3.22
C LEU A 49 -9.64 -3.24 -3.60
N PHE A 50 -10.84 -3.58 -3.16
CA PHE A 50 -11.98 -2.74 -3.49
C PHE A 50 -11.88 -1.41 -2.77
N THR A 51 -11.44 -1.44 -1.51
CA THR A 51 -11.27 -0.24 -0.68
C THR A 51 -10.13 0.64 -1.20
N LEU A 52 -9.10 0.00 -1.76
CA LEU A 52 -7.95 0.71 -2.32
C LEU A 52 -8.43 1.65 -3.42
N VAL A 53 -9.32 1.16 -4.28
CA VAL A 53 -9.85 1.97 -5.37
C VAL A 53 -10.56 3.19 -4.78
N GLU A 54 -11.43 2.98 -3.80
CA GLU A 54 -12.15 4.10 -3.20
C GLU A 54 -11.19 5.07 -2.54
N TRP A 55 -10.11 4.53 -2.00
CA TRP A 55 -9.10 5.35 -1.35
C TRP A 55 -8.44 6.24 -2.38
N ALA A 56 -8.00 5.62 -3.47
CA ALA A 56 -7.31 6.35 -4.53
C ALA A 56 -8.17 7.48 -5.09
N LYS A 57 -9.45 7.22 -5.28
CA LYS A 57 -10.37 8.22 -5.81
C LYS A 57 -10.39 9.46 -4.94
N ARG A 58 -10.14 9.28 -3.64
CA ARG A 58 -10.11 10.37 -2.68
C ARG A 58 -8.79 11.11 -2.65
N ILE A 59 -7.80 10.61 -3.40
CA ILE A 59 -6.49 11.26 -3.47
C ILE A 59 -6.57 12.36 -4.51
N PRO A 60 -6.36 13.62 -4.08
CA PRO A 60 -6.40 14.78 -4.97
C PRO A 60 -5.78 14.60 -6.34
N HIS A 61 -6.57 14.89 -7.39
CA HIS A 61 -6.14 14.82 -8.78
C HIS A 61 -6.01 13.41 -9.37
N PHE A 62 -6.09 12.38 -8.55
CA PHE A 62 -5.98 11.01 -9.07
C PHE A 62 -7.08 10.68 -10.07
N SER A 63 -8.31 11.04 -9.74
CA SER A 63 -9.44 10.77 -10.62
C SER A 63 -9.46 11.64 -11.87
N GLU A 64 -8.61 12.67 -11.89
CA GLU A 64 -8.51 13.58 -13.04
C GLU A 64 -7.60 13.01 -14.12
N LEU A 65 -6.89 11.93 -13.82
CA LEU A 65 -6.01 11.28 -14.80
C LEU A 65 -6.85 10.38 -15.69
N PRO A 66 -6.37 10.10 -16.92
CA PRO A 66 -7.15 9.23 -17.80
C PRO A 66 -7.33 7.85 -17.18
N LEU A 67 -8.48 7.24 -17.42
CA LEU A 67 -8.79 5.93 -16.87
C LEU A 67 -7.63 4.93 -17.04
N ASP A 68 -7.05 4.90 -18.24
CA ASP A 68 -5.94 3.99 -18.53
C ASP A 68 -4.76 4.18 -17.57
N ASP A 69 -4.42 5.42 -17.26
CA ASP A 69 -3.31 5.69 -16.34
C ASP A 69 -3.70 5.35 -14.90
N GLN A 70 -4.98 5.48 -14.57
CA GLN A 70 -5.43 5.16 -13.22
C GLN A 70 -5.27 3.65 -12.99
N VAL A 71 -5.60 2.86 -14.02
CA VAL A 71 -5.49 1.41 -13.95
C VAL A 71 -4.02 1.00 -13.80
N ILE A 72 -3.16 1.60 -14.62
CA ILE A 72 -1.72 1.33 -14.59
C ILE A 72 -1.09 1.62 -13.22
N LEU A 73 -1.43 2.76 -12.62
CA LEU A 73 -0.90 3.12 -11.32
C LEU A 73 -1.32 2.17 -10.19
N LEU A 74 -2.60 1.80 -10.18
CA LEU A 74 -3.12 0.88 -9.15
C LEU A 74 -2.58 -0.53 -9.35
N ARG A 75 -2.48 -0.97 -10.59
CA ARG A 75 -1.96 -2.31 -10.85
C ARG A 75 -0.46 -2.37 -10.52
N ALA A 76 0.21 -1.24 -10.66
CA ALA A 76 1.63 -1.16 -10.37
C ALA A 76 1.92 -1.05 -8.86
N GLY A 77 1.04 -0.44 -8.08
CA GLY A 77 1.33 -0.28 -6.68
C GLY A 77 0.40 -0.89 -5.63
N TRP A 78 -0.64 -1.59 -6.07
CA TRP A 78 -1.58 -2.18 -5.12
C TRP A 78 -0.92 -3.00 -4.02
N ASN A 79 0.09 -3.79 -4.37
CA ASN A 79 0.71 -4.64 -3.37
C ASN A 79 1.47 -3.82 -2.32
N GLU A 80 2.26 -2.84 -2.76
CA GLU A 80 2.97 -1.97 -1.82
C GLU A 80 1.96 -1.12 -1.04
N LEU A 81 0.92 -0.63 -1.72
CA LEU A 81 -0.09 0.17 -1.04
C LEU A 81 -0.78 -0.61 0.09
N LEU A 82 -1.10 -1.87 -0.17
CA LEU A 82 -1.75 -2.68 0.86
C LEU A 82 -0.78 -3.09 1.96
N ILE A 83 0.47 -3.37 1.61
CA ILE A 83 1.44 -3.76 2.63
C ILE A 83 1.64 -2.58 3.58
N ALA A 84 1.72 -1.37 3.05
CA ALA A 84 1.92 -0.22 3.92
C ALA A 84 0.77 -0.06 4.90
N SER A 85 -0.46 -0.25 4.44
CA SER A 85 -1.65 -0.13 5.28
C SER A 85 -1.76 -1.16 6.40
N PHE A 86 -1.58 -2.44 6.11
CA PHE A 86 -1.71 -3.40 7.20
C PHE A 86 -0.50 -3.36 8.16
N SER A 87 0.63 -2.84 7.67
CA SER A 87 1.82 -2.71 8.51
C SER A 87 1.62 -1.64 9.56
N HIS A 88 1.11 -0.49 9.14
CA HIS A 88 0.88 0.63 10.05
C HIS A 88 -0.24 0.30 11.02
N ARG A 89 -1.21 -0.47 10.53
CA ARG A 89 -2.34 -0.87 11.35
C ARG A 89 -1.87 -1.83 12.45
N SER A 90 -0.75 -2.51 12.21
CA SER A 90 -0.21 -3.47 13.15
C SER A 90 0.80 -2.92 14.16
N ILE A 91 0.99 -1.61 14.15
CA ILE A 91 1.92 -0.96 15.08
C ILE A 91 1.70 -1.36 16.53
N ALA A 92 0.46 -1.56 16.93
CA ALA A 92 0.14 -1.93 18.31
C ALA A 92 0.27 -3.44 18.55
N VAL A 93 0.08 -4.23 17.50
CA VAL A 93 0.18 -5.67 17.62
C VAL A 93 1.56 -6.11 18.09
N LYS A 94 1.58 -7.11 18.97
CA LYS A 94 2.83 -7.65 19.51
C LYS A 94 3.73 -8.17 18.39
N ASP A 95 3.69 -9.47 18.13
CA ASP A 95 4.53 -10.05 17.07
C ASP A 95 3.63 -10.64 16.01
N GLY A 96 3.05 -9.76 15.20
CA GLY A 96 2.15 -10.20 14.16
C GLY A 96 1.51 -9.03 13.46
N ILE A 97 0.53 -9.29 12.61
CA ILE A 97 -0.13 -8.21 11.88
C ILE A 97 -1.63 -8.33 12.05
N LEU A 98 -2.32 -7.22 11.83
CA LEU A 98 -3.77 -7.20 11.94
C LEU A 98 -4.35 -7.09 10.54
N LEU A 99 -5.18 -8.07 10.16
CA LEU A 99 -5.80 -8.05 8.84
C LEU A 99 -7.05 -7.19 8.85
N ALA A 100 -7.40 -6.64 7.68
CA ALA A 100 -8.58 -5.80 7.55
C ALA A 100 -9.84 -6.57 7.93
N THR A 101 -9.83 -7.83 7.89
CA THR A 101 -10.93 -8.72 8.25
C THR A 101 -11.11 -8.83 9.76
N GLY A 102 -10.18 -8.26 10.51
CA GLY A 102 -10.29 -8.33 11.94
C GLY A 102 -9.49 -9.48 12.54
N LEU A 103 -8.89 -10.27 11.75
CA LEU A 103 -8.02 -11.20 12.31
C LEU A 103 -6.51 -11.01 12.43
N HIS A 104 -5.93 -11.72 13.30
CA HIS A 104 -4.62 -11.46 13.63
C HIS A 104 -3.81 -12.62 13.16
N VAL A 105 -2.71 -12.34 12.60
CA VAL A 105 -1.79 -13.39 12.14
C VAL A 105 -0.51 -13.23 12.97
N HIS A 106 -0.27 -14.15 13.78
CA HIS A 106 0.89 -14.09 14.65
C HIS A 106 2.16 -14.60 13.95
N ARG A 107 3.30 -14.05 14.36
CA ARG A 107 4.60 -14.44 13.81
C ARG A 107 4.79 -15.96 13.71
N ASN A 108 4.44 -16.67 14.78
CA ASN A 108 4.59 -18.14 14.79
C ASN A 108 3.68 -18.82 13.79
N SER A 109 2.46 -18.29 13.63
CA SER A 109 1.49 -18.88 12.69
C SER A 109 2.01 -18.77 11.25
N ALA A 110 2.58 -17.62 10.92
CA ALA A 110 3.12 -17.42 9.58
C ALA A 110 4.27 -18.41 9.37
N HIS A 111 5.16 -18.48 10.34
CA HIS A 111 6.29 -19.39 10.26
C HIS A 111 5.80 -20.83 10.04
N SER A 112 4.83 -21.26 10.82
CA SER A 112 4.31 -22.62 10.68
C SER A 112 3.60 -22.85 9.34
N ALA A 113 3.41 -21.78 8.58
CA ALA A 113 2.75 -21.88 7.29
C ALA A 113 3.74 -21.82 6.13
N GLY A 114 5.02 -21.63 6.46
CA GLY A 114 6.04 -21.56 5.43
C GLY A 114 6.35 -20.18 4.90
N VAL A 115 5.75 -19.14 5.49
CA VAL A 115 6.02 -17.78 5.03
C VAL A 115 6.70 -16.97 6.12
N GLY A 116 7.48 -17.64 6.96
CA GLY A 116 8.14 -16.94 8.05
C GLY A 116 9.17 -15.90 7.62
N ALA A 117 9.91 -16.20 6.56
CA ALA A 117 10.96 -15.31 6.06
C ALA A 117 10.41 -13.94 5.66
N ILE A 118 9.38 -13.92 4.82
CA ILE A 118 8.83 -12.63 4.39
C ILE A 118 8.09 -11.96 5.54
N PHE A 119 7.42 -12.75 6.37
CA PHE A 119 6.67 -12.20 7.48
C PHE A 119 7.55 -11.38 8.42
N ASP A 120 8.72 -11.93 8.75
CA ASP A 120 9.67 -11.26 9.64
C ASP A 120 10.24 -9.98 9.02
N ARG A 121 10.36 -9.94 7.70
CA ARG A 121 10.85 -8.74 7.02
C ARG A 121 9.81 -7.62 7.22
N VAL A 122 8.53 -7.96 7.13
CA VAL A 122 7.48 -6.96 7.35
C VAL A 122 7.54 -6.44 8.79
N LEU A 123 7.71 -7.32 9.76
CA LEU A 123 7.78 -6.89 11.14
C LEU A 123 9.03 -6.07 11.43
N THR A 124 10.17 -6.52 10.94
CA THR A 124 11.44 -5.85 11.19
C THR A 124 11.66 -4.58 10.36
N GLU A 125 11.34 -4.63 9.09
CA GLU A 125 11.61 -3.49 8.26
C GLU A 125 10.52 -2.45 8.15
N LEU A 126 9.28 -2.88 8.35
CA LEU A 126 8.15 -1.97 8.25
C LEU A 126 7.45 -1.71 9.57
N VAL A 127 6.74 -2.71 10.09
CA VAL A 127 6.00 -2.55 11.34
C VAL A 127 6.86 -1.94 12.45
N SER A 128 7.93 -2.64 12.84
CA SER A 128 8.81 -2.16 13.90
C SER A 128 9.28 -0.73 13.73
N LYS A 129 9.69 -0.38 12.51
CA LYS A 129 10.20 0.96 12.21
C LYS A 129 9.09 2.00 12.32
N MET A 130 7.92 1.69 11.79
CA MET A 130 6.76 2.58 11.88
C MET A 130 6.45 2.90 13.34
N ARG A 131 6.51 1.87 14.19
CA ARG A 131 6.24 2.04 15.62
C ARG A 131 7.34 2.84 16.32
N ASP A 132 8.61 2.56 15.99
CA ASP A 132 9.71 3.29 16.61
C ASP A 132 9.68 4.81 16.36
N MET A 133 9.31 5.22 15.15
CA MET A 133 9.28 6.64 14.82
C MET A 133 7.88 7.22 14.98
N GLN A 134 6.95 6.40 15.44
CA GLN A 134 5.57 6.85 15.62
C GLN A 134 4.98 7.46 14.35
N MET A 135 5.09 6.75 13.23
CA MET A 135 4.54 7.25 11.98
C MET A 135 3.04 7.50 12.16
N ASP A 136 2.59 8.70 11.83
CA ASP A 136 1.16 9.00 12.00
C ASP A 136 0.38 8.75 10.71
N LYS A 137 -0.95 8.81 10.80
CA LYS A 137 -1.80 8.55 9.64
C LYS A 137 -1.58 9.49 8.46
N THR A 138 -1.23 10.73 8.76
CA THR A 138 -0.98 11.74 7.73
C THR A 138 0.27 11.33 6.95
N GLU A 139 1.29 10.90 7.69
CA GLU A 139 2.54 10.49 7.07
C GLU A 139 2.31 9.23 6.24
N LEU A 140 1.54 8.29 6.79
CA LEU A 140 1.22 7.05 6.09
C LEU A 140 0.55 7.38 4.76
N GLY A 141 -0.47 8.23 4.84
CA GLY A 141 -1.22 8.63 3.66
C GLY A 141 -0.34 9.20 2.58
N CYS A 142 0.55 10.11 2.95
CA CYS A 142 1.45 10.73 1.99
C CYS A 142 2.39 9.74 1.35
N LEU A 143 2.91 8.81 2.16
CA LEU A 143 3.81 7.82 1.62
C LEU A 143 3.06 6.94 0.62
N ARG A 144 1.83 6.57 0.94
CA ARG A 144 1.03 5.74 0.03
C ARG A 144 0.69 6.53 -1.23
N ALA A 145 0.47 7.84 -1.07
CA ALA A 145 0.16 8.66 -2.22
C ALA A 145 1.40 8.77 -3.11
N ILE A 146 2.59 8.79 -2.51
CA ILE A 146 3.80 8.84 -3.31
C ILE A 146 3.94 7.56 -4.12
N VAL A 147 3.67 6.42 -3.48
CA VAL A 147 3.76 5.14 -4.14
C VAL A 147 2.76 5.07 -5.28
N LEU A 148 1.53 5.50 -5.02
CA LEU A 148 0.47 5.50 -6.01
C LEU A 148 0.92 6.26 -7.26
N PHE A 149 1.42 7.48 -7.05
CA PHE A 149 1.90 8.32 -8.15
C PHE A 149 3.31 7.90 -8.55
N ASN A 150 3.43 6.68 -9.05
CA ASN A 150 4.71 6.14 -9.48
C ASN A 150 4.92 6.47 -10.94
N PRO A 151 5.77 7.48 -11.22
CA PRO A 151 6.07 7.96 -12.58
C PRO A 151 6.84 6.95 -13.43
N ASP A 152 7.36 5.91 -12.78
CA ASP A 152 8.12 4.88 -13.49
C ASP A 152 7.22 3.76 -14.04
N SER A 153 5.94 3.78 -13.70
CA SER A 153 4.99 2.79 -14.18
C SER A 153 4.95 2.76 -15.69
N LYS A 154 5.15 1.58 -16.28
CA LYS A 154 5.16 1.41 -17.73
C LYS A 154 3.79 1.60 -18.38
N GLY A 155 3.76 2.22 -19.56
CA GLY A 155 2.51 2.43 -20.26
C GLY A 155 1.86 3.78 -20.02
N LEU A 156 2.37 4.52 -19.03
CA LEU A 156 1.81 5.83 -18.71
C LEU A 156 1.74 6.75 -19.94
N SER A 157 0.58 7.33 -20.17
CA SER A 157 0.39 8.22 -21.31
C SER A 157 1.12 9.54 -21.08
N ASN A 158 1.24 9.95 -19.82
CA ASN A 158 1.90 11.19 -19.46
C ASN A 158 2.65 11.04 -18.13
N PRO A 159 3.81 10.37 -18.16
CA PRO A 159 4.60 10.19 -16.94
C PRO A 159 4.99 11.49 -16.27
N ALA A 160 5.05 12.57 -17.06
CA ALA A 160 5.43 13.86 -16.53
C ALA A 160 4.39 14.35 -15.52
N GLU A 161 3.11 14.19 -15.86
CA GLU A 161 2.04 14.63 -14.98
C GLU A 161 2.04 13.83 -13.67
N VAL A 162 2.30 12.53 -13.76
CA VAL A 162 2.35 11.67 -12.58
C VAL A 162 3.55 12.08 -11.75
N GLU A 163 4.62 12.49 -12.44
CA GLU A 163 5.81 12.93 -11.75
C GLU A 163 5.52 14.21 -10.96
N ALA A 164 4.78 15.14 -11.57
CA ALA A 164 4.47 16.41 -10.90
C ALA A 164 3.65 16.19 -9.64
N LEU A 165 2.68 15.28 -9.73
CA LEU A 165 1.83 14.98 -8.59
C LEU A 165 2.58 14.37 -7.42
N ARG A 166 3.55 13.51 -7.74
CA ARG A 166 4.37 12.87 -6.72
C ARG A 166 5.13 13.97 -5.96
N GLU A 167 5.74 14.88 -6.72
CA GLU A 167 6.50 15.99 -6.12
C GLU A 167 5.64 16.87 -5.22
N LYS A 168 4.39 17.08 -5.62
CA LYS A 168 3.48 17.89 -4.81
C LYS A 168 3.20 17.18 -3.50
N VAL A 169 3.10 15.86 -3.54
CA VAL A 169 2.83 15.12 -2.31
C VAL A 169 4.00 15.21 -1.34
N TYR A 170 5.20 14.82 -1.77
CA TYR A 170 6.32 14.86 -0.84
C TYR A 170 6.68 16.30 -0.47
N ALA A 171 6.18 17.26 -1.24
CA ALA A 171 6.43 18.66 -0.92
C ALA A 171 5.50 19.03 0.25
N SER A 172 4.26 18.56 0.20
CA SER A 172 3.29 18.81 1.26
C SER A 172 3.63 17.97 2.49
N LEU A 173 4.21 16.78 2.26
CA LEU A 173 4.61 15.90 3.34
C LEU A 173 5.75 16.54 4.13
N GLU A 174 6.75 17.06 3.42
CA GLU A 174 7.88 17.70 4.09
C GLU A 174 7.40 18.89 4.92
N ALA A 175 6.50 19.69 4.34
CA ALA A 175 5.92 20.82 5.05
C ALA A 175 5.24 20.35 6.34
N TYR A 176 4.45 19.27 6.25
CA TYR A 176 3.75 18.69 7.40
C TYR A 176 4.79 18.40 8.47
N CYS A 177 5.84 17.70 8.08
CA CYS A 177 6.94 17.39 8.98
C CYS A 177 7.70 18.73 9.19
N LYS A 178 8.63 18.78 10.15
CA LYS A 178 9.37 20.02 10.40
C LYS A 178 8.45 21.06 11.03
N HIS A 179 7.16 20.94 10.76
CA HIS A 179 6.17 21.83 11.32
C HIS A 179 5.45 21.11 12.46
N LYS A 180 5.15 19.83 12.25
CA LYS A 180 4.50 19.01 13.27
C LYS A 180 5.57 18.43 14.18
N TYR A 181 6.75 18.20 13.62
CA TYR A 181 7.85 17.64 14.38
C TYR A 181 9.11 18.45 14.10
N PRO A 182 9.14 19.72 14.52
CA PRO A 182 10.31 20.57 14.30
C PRO A 182 11.58 20.03 14.93
N GLU A 183 11.42 19.28 16.02
CA GLU A 183 12.58 18.72 16.72
C GLU A 183 13.28 17.63 15.92
N GLN A 184 12.59 17.06 14.94
CA GLN A 184 13.16 15.99 14.12
C GLN A 184 13.38 16.41 12.68
N PRO A 185 14.48 17.12 12.39
CA PRO A 185 14.81 17.59 11.04
C PRO A 185 15.01 16.47 10.01
N GLY A 186 15.39 15.28 10.47
CA GLY A 186 15.61 14.18 9.54
C GLY A 186 14.41 13.23 9.40
N ARG A 187 13.25 13.63 9.93
CA ARG A 187 12.07 12.78 9.84
C ARG A 187 11.59 12.58 8.42
N PHE A 188 11.55 13.66 7.64
CA PHE A 188 11.12 13.61 6.26
C PHE A 188 11.92 12.58 5.47
N ALA A 189 13.25 12.62 5.59
CA ALA A 189 14.09 11.65 4.88
C ALA A 189 13.90 10.23 5.41
N LYS A 190 13.72 10.12 6.73
CA LYS A 190 13.50 8.83 7.37
C LYS A 190 12.24 8.17 6.82
N LEU A 191 11.20 8.96 6.57
CA LEU A 191 9.95 8.45 6.02
C LEU A 191 10.13 7.86 4.60
N LEU A 192 10.80 8.62 3.74
CA LEU A 192 11.04 8.22 2.35
C LEU A 192 12.01 7.06 2.20
N LEU A 193 12.87 6.91 3.21
CA LEU A 193 13.86 5.84 3.16
C LEU A 193 13.30 4.51 3.60
N ARG A 194 11.98 4.45 3.80
CA ARG A 194 11.39 3.17 4.08
C ARG A 194 10.78 2.66 2.77
N LEU A 195 10.76 3.50 1.73
CA LEU A 195 10.19 3.09 0.45
C LEU A 195 10.97 1.96 -0.25
N PRO A 196 12.32 1.97 -0.15
CA PRO A 196 13.12 0.91 -0.78
C PRO A 196 12.74 -0.45 -0.16
N ALA A 197 12.58 -0.48 1.16
CA ALA A 197 12.20 -1.73 1.83
C ALA A 197 10.79 -2.17 1.44
N LEU A 198 9.91 -1.20 1.26
CA LEU A 198 8.54 -1.45 0.87
C LEU A 198 8.55 -2.01 -0.56
N ARG A 199 9.41 -1.46 -1.41
CA ARG A 199 9.53 -1.95 -2.79
C ARG A 199 10.01 -3.43 -2.83
N SER A 200 11.04 -3.73 -2.05
CA SER A 200 11.59 -5.08 -1.97
C SER A 200 10.61 -6.12 -1.41
N ILE A 201 9.94 -5.74 -0.32
CA ILE A 201 8.99 -6.61 0.33
C ILE A 201 7.78 -6.82 -0.55
N GLY A 202 7.38 -5.79 -1.28
CA GLY A 202 6.24 -5.89 -2.17
C GLY A 202 6.52 -6.89 -3.29
N LEU A 203 7.74 -6.89 -3.80
CA LEU A 203 8.13 -7.80 -4.87
C LEU A 203 8.12 -9.25 -4.39
N LYS A 204 8.64 -9.48 -3.19
CA LYS A 204 8.67 -10.81 -2.62
C LYS A 204 7.27 -11.34 -2.36
N CYS A 205 6.39 -10.53 -1.78
CA CYS A 205 5.02 -10.93 -1.52
C CYS A 205 4.33 -11.34 -2.80
N LEU A 206 4.61 -10.62 -3.89
CA LEU A 206 4.00 -10.94 -5.19
C LEU A 206 4.54 -12.27 -5.68
N GLU A 207 5.82 -12.52 -5.48
CA GLU A 207 6.40 -13.79 -5.90
C GLU A 207 5.65 -14.96 -5.25
N HIS A 208 5.40 -14.85 -3.94
CA HIS A 208 4.68 -15.88 -3.19
C HIS A 208 3.29 -16.10 -3.77
N LEU A 209 2.58 -15.01 -4.05
CA LEU A 209 1.25 -15.09 -4.63
C LEU A 209 1.24 -15.85 -5.94
N PHE A 210 2.20 -15.57 -6.82
CA PHE A 210 2.26 -16.28 -8.09
C PHE A 210 2.53 -17.75 -7.88
N PHE A 211 3.33 -18.08 -6.87
CA PHE A 211 3.63 -19.47 -6.57
C PHE A 211 2.35 -20.15 -6.04
N PHE A 212 1.64 -19.48 -5.14
CA PHE A 212 0.40 -20.02 -4.57
C PHE A 212 -0.61 -20.32 -5.69
N LYS A 213 -0.71 -19.39 -6.64
CA LYS A 213 -1.61 -19.55 -7.77
C LYS A 213 -1.16 -20.73 -8.63
N LEU A 214 0.15 -20.87 -8.80
CA LEU A 214 0.71 -21.94 -9.58
C LEU A 214 0.44 -23.31 -8.95
N ILE A 215 0.64 -23.41 -7.64
CA ILE A 215 0.44 -24.65 -6.90
C ILE A 215 -1.03 -25.06 -6.87
N GLY A 216 -1.92 -24.09 -6.93
CA GLY A 216 -3.34 -24.42 -6.90
C GLY A 216 -3.95 -24.26 -5.54
N ASP A 217 -3.20 -24.59 -4.50
CA ASP A 217 -3.69 -24.46 -3.14
C ASP A 217 -3.93 -22.99 -2.84
N THR A 218 -4.48 -22.73 -1.66
CA THR A 218 -4.76 -21.35 -1.26
C THR A 218 -5.72 -20.69 -2.24
N PRO A 219 -7.01 -20.60 -1.86
CA PRO A 219 -8.01 -19.98 -2.72
C PRO A 219 -7.68 -18.52 -3.03
N ILE A 220 -7.85 -18.11 -4.28
CA ILE A 220 -7.58 -16.74 -4.67
C ILE A 220 -8.86 -16.16 -5.28
N ASP A 221 -9.36 -15.08 -4.69
CA ASP A 221 -10.57 -14.41 -5.16
C ASP A 221 -10.41 -13.68 -6.50
N THR A 222 -11.54 -13.24 -7.05
CA THR A 222 -11.56 -12.59 -8.36
C THR A 222 -10.74 -11.32 -8.59
N PHE A 223 -10.77 -10.41 -7.64
CA PHE A 223 -10.04 -9.17 -7.83
C PHE A 223 -8.54 -9.37 -7.66
N LEU A 224 -8.17 -10.19 -6.68
CA LEU A 224 -6.76 -10.47 -6.45
C LEU A 224 -6.22 -11.21 -7.69
N MET A 225 -7.03 -12.14 -8.21
CA MET A 225 -6.65 -12.92 -9.38
C MET A 225 -6.44 -12.00 -10.58
N GLU A 226 -7.32 -11.03 -10.73
CA GLU A 226 -7.20 -10.08 -11.82
C GLU A 226 -5.88 -9.31 -11.74
N MET A 227 -5.45 -8.98 -10.53
CA MET A 227 -4.20 -8.25 -10.37
C MET A 227 -3.00 -9.09 -10.73
N LEU A 228 -3.16 -10.41 -10.73
CA LEU A 228 -2.07 -11.32 -11.07
C LEU A 228 -2.04 -11.57 -12.58
N GLU A 229 -3.08 -11.11 -13.28
CA GLU A 229 -3.18 -11.27 -14.72
C GLU A 229 -2.14 -10.42 -15.43
N ALA A 230 -1.95 -10.69 -16.72
CA ALA A 230 -0.98 -9.95 -17.51
C ALA A 230 -1.47 -8.53 -17.79
N PRO A 231 -0.54 -7.58 -17.96
CA PRO A 231 0.92 -7.75 -17.90
C PRO A 231 1.41 -8.17 -16.51
N LYS B 1 -9.85 -6.89 -20.60
CA LYS B 1 -8.71 -6.88 -19.65
C LYS B 1 -8.99 -5.96 -18.46
N HIS B 2 -8.54 -6.38 -17.28
CA HIS B 2 -8.73 -5.61 -16.04
C HIS B 2 -10.19 -5.19 -15.92
N LYS B 3 -11.09 -6.13 -16.15
CA LYS B 3 -12.53 -5.88 -16.10
C LYS B 3 -13.01 -5.23 -14.78
N ILE B 4 -12.78 -5.91 -13.66
CA ILE B 4 -13.21 -5.42 -12.35
C ILE B 4 -12.68 -4.02 -12.04
N LEU B 5 -11.37 -3.84 -12.13
CA LEU B 5 -10.74 -2.57 -11.84
C LEU B 5 -11.31 -1.40 -12.66
N HIS B 6 -11.53 -1.59 -13.96
CA HIS B 6 -12.09 -0.52 -14.78
C HIS B 6 -13.48 -0.10 -14.32
N ARG B 7 -14.34 -1.09 -14.09
CA ARG B 7 -15.72 -0.84 -13.65
C ARG B 7 -15.78 -0.04 -12.35
N LEU B 8 -14.94 -0.42 -11.39
CA LEU B 8 -14.90 0.26 -10.10
C LEU B 8 -14.43 1.70 -10.19
N LEU B 9 -13.44 1.95 -11.03
CA LEU B 9 -12.91 3.31 -11.22
C LEU B 9 -13.90 4.22 -11.94
N GLN B 10 -14.68 3.64 -12.83
CA GLN B 10 -15.66 4.38 -13.62
C GLN B 10 -16.84 4.90 -12.81
N ASP B 11 -17.40 4.05 -11.96
CA ASP B 11 -18.56 4.45 -11.17
C ASP B 11 -18.25 5.69 -10.31
#